data_3FS3
#
_entry.id   3FS3
#
_cell.length_a   92.408
_cell.length_b   38.117
_cell.length_c   80.046
_cell.angle_alpha   90
_cell.angle_beta   107.866
_cell.angle_gamma   90
#
_symmetry.space_group_name_H-M   'C 1 2 1'
#
loop_
_entity.id
_entity.type
_entity.pdbx_description
1 polymer 'Nucleosome assembly protein 1, putative'
2 water water
#
_entity_poly.entity_id   1
_entity_poly.type   'polypeptide(L)'
_entity_poly.pdbx_seq_one_letter_code
;MAANEGNQPIPPEEEKEISSLLESIKIGKTSLKYRCFYLYDDKMTDLTEEQKETLKKLKLYQKEYYDYESKFEYELFLLR
QKYHDLYGPIYDKRREALVGNGEAKIGTPNLPEFWLRALRNNNTVSHVIEDHDEEILVYLNDIRCDYIKKNKEKKEGFIL
SFYFATNPFFSNSVLTKTYHMKCVDCDNEPVLLHTEATVIDWYDNKNILKKNVVKKQHNKNSREVKTVQQTVNRDSFFHF
FTSHKVPNSNVIKQLSKHEVAQLEMIIEGDYEVALTIKERIIPYAVDYYLGIIIESESNSIVSDVDSSYSSSENNSNYNS
YESNNSAYNDENSNVDTNEYDDNEEEEEGAKSNEDPLTS
;
_entity_poly.pdbx_strand_id   A
#
# COMPACT_ATOMS: atom_id res chain seq x y z
N THR A 45 33.00 -31.78 -9.86
CA THR A 45 34.06 -31.71 -8.82
C THR A 45 34.87 -33.01 -8.73
N ASP A 46 34.51 -33.89 -7.80
CA ASP A 46 35.24 -35.15 -7.66
C ASP A 46 34.42 -36.33 -8.19
N LEU A 47 33.75 -36.06 -9.29
CA LEU A 47 32.91 -37.03 -9.96
C LEU A 47 33.78 -37.69 -11.03
N THR A 48 33.30 -38.80 -11.59
CA THR A 48 34.03 -39.47 -12.64
C THR A 48 33.85 -38.55 -13.84
N GLU A 49 34.69 -38.69 -14.86
CA GLU A 49 34.57 -37.83 -16.04
C GLU A 49 33.17 -37.93 -16.63
N GLU A 50 32.63 -39.14 -16.60
CA GLU A 50 31.29 -39.42 -17.11
C GLU A 50 30.23 -38.60 -16.37
N GLN A 51 30.34 -38.54 -15.05
CA GLN A 51 29.37 -37.79 -14.24
C GLN A 51 29.57 -36.29 -14.46
N LYS A 52 30.82 -35.88 -14.69
CA LYS A 52 31.09 -34.45 -14.91
C LYS A 52 30.31 -33.99 -16.13
N GLU A 53 30.30 -34.83 -17.17
CA GLU A 53 29.57 -34.52 -18.41
C GLU A 53 28.08 -34.35 -18.12
N THR A 54 27.56 -35.27 -17.31
CA THR A 54 26.15 -35.25 -16.93
C THR A 54 25.81 -33.95 -16.21
N LEU A 55 26.72 -33.52 -15.32
CA LEU A 55 26.53 -32.29 -14.57
C LEU A 55 26.53 -31.08 -15.51
N LYS A 56 27.42 -31.08 -16.50
CA LYS A 56 27.48 -29.97 -17.45
C LYS A 56 26.18 -29.90 -18.23
N LYS A 57 25.67 -31.05 -18.64
CA LYS A 57 24.41 -31.06 -19.39
C LYS A 57 23.29 -30.46 -18.55
N LEU A 58 23.23 -30.83 -17.27
CA LEU A 58 22.21 -30.30 -16.37
C LEU A 58 22.31 -28.78 -16.23
N LYS A 59 23.52 -28.24 -16.13
CA LYS A 59 23.69 -26.80 -16.03
C LYS A 59 23.19 -26.16 -17.33
N LEU A 60 23.46 -26.84 -18.44
CA LEU A 60 23.00 -26.35 -19.73
C LEU A 60 21.47 -26.26 -19.68
N TYR A 61 20.82 -27.35 -19.28
CA TYR A 61 19.36 -27.36 -19.18
C TYR A 61 18.87 -26.31 -18.19
N GLN A 62 19.59 -26.16 -17.08
CA GLN A 62 19.18 -25.17 -16.08
C GLN A 62 19.26 -23.77 -16.66
N LYS A 63 20.28 -23.53 -17.50
CA LYS A 63 20.45 -22.24 -18.14
C LYS A 63 19.25 -22.00 -19.03
N GLU A 64 18.76 -23.07 -19.66
CA GLU A 64 17.59 -22.98 -20.53
C GLU A 64 16.37 -22.63 -19.67
N TYR A 65 16.27 -23.22 -18.48
CA TYR A 65 15.15 -22.93 -17.61
C TYR A 65 15.10 -21.43 -17.28
N TYR A 66 16.24 -20.90 -16.85
CA TYR A 66 16.35 -19.49 -16.49
C TYR A 66 15.99 -18.54 -17.63
N ASP A 67 16.29 -18.94 -18.87
CA ASP A 67 15.95 -18.12 -20.02
C ASP A 67 14.42 -18.04 -20.11
N TYR A 68 13.76 -19.20 -20.13
CA TYR A 68 12.30 -19.21 -20.20
C TYR A 68 11.70 -18.49 -19.01
N GLU A 69 12.24 -18.71 -17.82
CA GLU A 69 11.72 -18.06 -16.64
C GLU A 69 11.82 -16.54 -16.75
N SER A 70 12.91 -16.03 -17.32
CA SER A 70 13.07 -14.58 -17.49
C SER A 70 11.99 -14.06 -18.41
N LYS A 71 11.68 -14.84 -19.45
CA LYS A 71 10.65 -14.45 -20.41
C LYS A 71 9.27 -14.48 -19.77
N PHE A 72 9.03 -15.43 -18.85
CA PHE A 72 7.73 -15.50 -18.18
C PHE A 72 7.63 -14.29 -17.26
N GLU A 73 8.70 -14.02 -16.53
CA GLU A 73 8.70 -12.88 -15.61
C GLU A 73 8.38 -11.62 -16.39
N TYR A 74 8.95 -11.49 -17.59
CA TYR A 74 8.71 -10.32 -18.42
C TYR A 74 7.24 -10.22 -18.80
N GLU A 75 6.66 -11.31 -19.28
CA GLU A 75 5.26 -11.30 -19.65
C GLU A 75 4.36 -11.02 -18.44
N LEU A 76 4.84 -11.37 -17.25
CA LEU A 76 4.06 -11.11 -16.03
C LEU A 76 4.09 -9.61 -15.73
N PHE A 77 5.24 -8.98 -15.94
CA PHE A 77 5.39 -7.55 -15.72
C PHE A 77 4.44 -6.81 -16.65
N LEU A 78 4.43 -7.21 -17.92
CA LEU A 78 3.55 -6.62 -18.91
C LEU A 78 2.10 -6.73 -18.47
N LEU A 79 1.71 -7.95 -18.14
CA LEU A 79 0.36 -8.25 -17.73
C LEU A 79 -0.12 -7.36 -16.59
N ARG A 80 0.66 -7.30 -15.51
CA ARG A 80 0.27 -6.47 -14.37
C ARG A 80 0.22 -4.97 -14.71
N GLN A 81 1.10 -4.53 -15.61
CA GLN A 81 1.11 -3.11 -16.00
C GLN A 81 -0.16 -2.81 -16.79
N LYS A 82 -0.44 -3.63 -17.79
CA LYS A 82 -1.62 -3.46 -18.63
C LYS A 82 -2.87 -3.27 -17.79
N TYR A 83 -3.15 -4.19 -16.89
CA TYR A 83 -4.35 -4.07 -16.06
C TYR A 83 -4.26 -2.92 -15.07
N HIS A 84 -3.06 -2.59 -14.63
CA HIS A 84 -2.92 -1.46 -13.74
C HIS A 84 -3.50 -0.24 -14.46
N ASP A 85 -3.19 -0.12 -15.75
CA ASP A 85 -3.67 0.99 -16.56
C ASP A 85 -5.15 0.89 -16.89
N LEU A 86 -5.67 -0.34 -16.92
CA LEU A 86 -7.09 -0.53 -17.18
C LEU A 86 -7.89 -0.17 -15.91
N TYR A 87 -7.32 -0.40 -14.74
CA TYR A 87 -8.02 -0.06 -13.49
C TYR A 87 -8.05 1.44 -13.23
N GLY A 88 -6.98 2.12 -13.64
CA GLY A 88 -6.86 3.56 -13.45
C GLY A 88 -8.11 4.38 -13.69
N PRO A 89 -8.70 4.33 -14.90
CA PRO A 89 -9.92 5.10 -15.20
C PRO A 89 -11.08 4.73 -14.29
N ILE A 90 -11.11 3.47 -13.86
CA ILE A 90 -12.19 3.02 -12.99
C ILE A 90 -12.04 3.66 -11.62
N TYR A 91 -10.80 3.85 -11.17
CA TYR A 91 -10.57 4.47 -9.87
C TYR A 91 -10.90 5.96 -9.93
N ASP A 92 -10.51 6.61 -11.04
CA ASP A 92 -10.77 8.04 -11.19
C ASP A 92 -12.25 8.34 -11.28
N LYS A 93 -13.03 7.42 -11.83
CA LYS A 93 -14.47 7.63 -11.94
C LYS A 93 -15.08 7.60 -10.55
N ARG A 94 -14.61 6.68 -9.73
CA ARG A 94 -15.10 6.56 -8.37
C ARG A 94 -14.78 7.85 -7.61
N ARG A 95 -13.55 8.31 -7.71
CA ARG A 95 -13.13 9.53 -7.02
C ARG A 95 -14.04 10.69 -7.44
N GLU A 96 -14.19 10.82 -8.76
CA GLU A 96 -15.00 11.87 -9.37
C GLU A 96 -16.43 11.86 -8.82
N ALA A 97 -17.03 10.68 -8.76
CA ALA A 97 -18.38 10.56 -8.25
C ALA A 97 -18.43 10.85 -6.75
N LEU A 98 -17.38 10.46 -6.03
CA LEU A 98 -17.31 10.67 -4.58
C LEU A 98 -17.05 12.12 -4.20
N VAL A 99 -16.08 12.73 -4.87
CA VAL A 99 -15.69 14.11 -4.57
C VAL A 99 -16.38 15.17 -5.41
N GLY A 100 -16.62 14.88 -6.69
CA GLY A 100 -17.29 15.85 -7.55
C GLY A 100 -16.36 16.93 -8.05
N ALA A 104 -15.22 21.22 -1.45
CA ALA A 104 -15.90 21.14 -0.16
C ALA A 104 -14.93 20.88 0.98
N LYS A 105 -15.33 21.27 2.19
CA LYS A 105 -14.50 21.06 3.36
C LYS A 105 -14.84 19.75 4.07
N ILE A 106 -15.07 18.70 3.29
CA ILE A 106 -15.36 17.40 3.86
C ILE A 106 -14.96 16.30 2.88
N GLY A 107 -14.55 15.15 3.42
CA GLY A 107 -14.13 14.05 2.56
C GLY A 107 -15.29 13.45 1.81
N THR A 108 -15.07 13.08 0.55
CA THR A 108 -16.12 12.45 -0.28
C THR A 108 -17.51 12.98 0.05
N PRO A 109 -17.76 14.29 -0.19
CA PRO A 109 -19.07 14.87 0.10
C PRO A 109 -20.28 14.23 -0.55
N ASN A 110 -20.12 13.56 -1.68
CA ASN A 110 -21.27 12.94 -2.32
C ASN A 110 -21.63 11.60 -1.67
N LEU A 111 -20.79 11.15 -0.74
CA LEU A 111 -21.03 9.90 0.01
C LEU A 111 -20.19 9.95 1.27
N PRO A 112 -20.66 10.68 2.29
CA PRO A 112 -20.05 10.90 3.60
C PRO A 112 -19.39 9.69 4.24
N GLU A 113 -18.16 9.88 4.70
CA GLU A 113 -17.39 8.84 5.39
C GLU A 113 -17.08 7.59 4.59
N PHE A 114 -17.14 7.68 3.27
CA PHE A 114 -16.87 6.54 2.41
C PHE A 114 -15.63 5.72 2.75
N TRP A 115 -14.47 6.37 2.77
CA TRP A 115 -13.24 5.64 3.04
C TRP A 115 -13.11 5.17 4.48
N LEU A 116 -13.55 5.99 5.43
CA LEU A 116 -13.48 5.59 6.83
C LEU A 116 -14.24 4.28 7.00
N ARG A 117 -15.44 4.21 6.44
CA ARG A 117 -16.25 3.01 6.58
C ARG A 117 -15.67 1.82 5.84
N ALA A 118 -15.12 2.06 4.64
CA ALA A 118 -14.52 0.97 3.90
C ALA A 118 -13.35 0.42 4.74
N LEU A 119 -12.51 1.32 5.25
CA LEU A 119 -11.37 0.92 6.07
C LEU A 119 -11.83 0.19 7.35
N ARG A 120 -12.87 0.71 7.98
CA ARG A 120 -13.42 0.10 9.20
C ARG A 120 -13.88 -1.33 8.96
N ASN A 121 -14.55 -1.55 7.82
CA ASN A 121 -15.06 -2.87 7.49
C ASN A 121 -14.01 -3.90 7.07
N ASN A 122 -12.74 -3.54 7.15
CA ASN A 122 -11.67 -4.49 6.82
C ASN A 122 -10.94 -4.79 8.13
N ASN A 123 -11.00 -6.06 8.55
CA ASN A 123 -10.39 -6.50 9.80
C ASN A 123 -8.98 -5.99 10.07
N THR A 124 -8.06 -6.31 9.18
CA THR A 124 -6.66 -5.90 9.31
C THR A 124 -6.47 -4.40 9.55
N VAL A 125 -7.08 -3.58 8.69
CA VAL A 125 -6.96 -2.13 8.82
C VAL A 125 -7.75 -1.57 9.99
N SER A 126 -8.89 -2.19 10.29
CA SER A 126 -9.72 -1.72 11.38
C SER A 126 -8.97 -1.77 12.71
N HIS A 127 -8.02 -2.69 12.82
CA HIS A 127 -7.24 -2.83 14.06
C HIS A 127 -6.32 -1.67 14.38
N VAL A 128 -5.91 -0.91 13.38
CA VAL A 128 -5.04 0.23 13.63
C VAL A 128 -5.76 1.58 13.60
N ILE A 129 -7.10 1.54 13.54
CA ILE A 129 -7.90 2.76 13.52
C ILE A 129 -8.58 2.96 14.85
N GLU A 130 -8.24 4.07 15.50
CA GLU A 130 -8.83 4.40 16.80
C GLU A 130 -9.99 5.39 16.67
N ASP A 131 -10.77 5.49 17.72
CA ASP A 131 -11.91 6.38 17.76
C ASP A 131 -11.52 7.82 17.44
N HIS A 132 -10.37 8.27 17.95
CA HIS A 132 -9.93 9.63 17.67
C HIS A 132 -9.46 9.79 16.24
N ASP A 133 -9.10 8.69 15.59
CA ASP A 133 -8.66 8.78 14.21
C ASP A 133 -9.84 9.04 13.26
N GLU A 134 -11.03 8.64 13.69
CA GLU A 134 -12.22 8.78 12.85
C GLU A 134 -12.60 10.21 12.46
N GLU A 135 -12.43 11.16 13.36
CA GLU A 135 -12.78 12.53 13.03
C GLU A 135 -11.84 13.09 11.97
N ILE A 136 -10.68 12.45 11.82
CA ILE A 136 -9.73 12.91 10.80
C ILE A 136 -10.00 12.18 9.48
N LEU A 137 -10.26 10.88 9.56
CA LEU A 137 -10.48 10.07 8.38
C LEU A 137 -11.73 10.43 7.57
N VAL A 138 -12.68 11.13 8.19
CA VAL A 138 -13.88 11.53 7.49
C VAL A 138 -13.56 12.59 6.43
N TYR A 139 -12.35 13.16 6.49
CA TYR A 139 -11.92 14.17 5.52
C TYR A 139 -11.21 13.50 4.33
N LEU A 140 -11.08 12.18 4.39
CA LEU A 140 -10.40 11.44 3.34
C LEU A 140 -11.22 11.52 2.03
N ASN A 141 -10.56 11.97 0.95
CA ASN A 141 -11.22 12.09 -0.36
C ASN A 141 -10.86 10.93 -1.27
N ASP A 142 -9.65 10.40 -1.12
CA ASP A 142 -9.25 9.32 -1.99
C ASP A 142 -7.96 8.66 -1.54
N ILE A 143 -7.84 7.38 -1.87
CA ILE A 143 -6.65 6.59 -1.57
C ILE A 143 -6.25 5.98 -2.90
N ARG A 144 -4.99 6.18 -3.29
CA ARG A 144 -4.49 5.66 -4.56
C ARG A 144 -3.14 4.98 -4.41
N CYS A 145 -2.84 4.08 -5.34
CA CYS A 145 -1.58 3.38 -5.35
C CYS A 145 -0.89 3.64 -6.70
N ASP A 146 0.39 3.98 -6.65
CA ASP A 146 1.16 4.26 -7.85
C ASP A 146 2.51 3.57 -7.78
N TYR A 147 3.08 3.30 -8.97
CA TYR A 147 4.40 2.70 -9.06
C TYR A 147 5.33 3.89 -8.94
N ILE A 148 6.54 3.65 -8.46
CA ILE A 148 7.52 4.74 -8.37
C ILE A 148 7.94 5.00 -9.82
N LYS A 149 7.79 6.25 -10.26
CA LYS A 149 8.16 6.61 -11.63
C LYS A 149 9.65 6.36 -11.90
N GLY A 157 9.44 0.17 -6.19
CA GLY A 157 8.30 -0.31 -5.43
C GLY A 157 7.00 0.43 -5.70
N PHE A 158 6.19 0.64 -4.67
CA PHE A 158 4.93 1.34 -4.83
C PHE A 158 4.74 2.46 -3.81
N ILE A 159 3.82 3.36 -4.11
CA ILE A 159 3.55 4.48 -3.22
C ILE A 159 2.06 4.66 -3.00
N LEU A 160 1.65 4.66 -1.72
CA LEU A 160 0.24 4.84 -1.35
C LEU A 160 -0.03 6.31 -1.05
N SER A 161 -1.07 6.87 -1.66
CA SER A 161 -1.40 8.27 -1.43
C SER A 161 -2.78 8.44 -0.81
N PHE A 162 -2.84 9.25 0.24
CA PHE A 162 -4.09 9.54 0.96
C PHE A 162 -4.42 11.02 0.76
N TYR A 163 -5.46 11.28 -0.03
CA TYR A 163 -5.86 12.64 -0.33
C TYR A 163 -6.89 13.13 0.68
N PHE A 164 -6.62 14.29 1.28
CA PHE A 164 -7.52 14.84 2.29
C PHE A 164 -8.08 16.19 1.89
N ALA A 165 -9.35 16.41 2.23
CA ALA A 165 -9.98 17.68 1.93
C ALA A 165 -9.43 18.64 2.98
N THR A 166 -9.59 19.93 2.75
CA THR A 166 -9.14 20.95 3.69
C THR A 166 -9.72 20.48 5.02
N ASN A 167 -8.90 20.51 6.06
CA ASN A 167 -9.35 20.01 7.35
C ASN A 167 -8.65 20.76 8.49
N PRO A 168 -9.24 20.73 9.69
CA PRO A 168 -8.68 21.41 10.86
C PRO A 168 -7.57 20.68 11.62
N PHE A 169 -7.11 19.56 11.07
CA PHE A 169 -6.07 18.77 11.73
C PHE A 169 -4.67 18.99 11.19
N PHE A 170 -4.51 18.99 9.87
CA PHE A 170 -3.22 19.23 9.27
C PHE A 170 -3.42 19.91 7.93
N SER A 171 -2.39 20.60 7.45
CA SER A 171 -2.48 21.34 6.19
C SER A 171 -2.24 20.51 4.93
N ASN A 172 -1.52 19.40 5.07
CA ASN A 172 -1.20 18.53 3.94
C ASN A 172 -2.46 18.18 3.15
N SER A 173 -2.40 18.37 1.84
CA SER A 173 -3.56 18.03 1.02
C SER A 173 -3.40 16.56 0.64
N VAL A 174 -2.20 16.02 0.82
CA VAL A 174 -1.92 14.61 0.51
C VAL A 174 -0.85 14.00 1.42
N LEU A 175 -1.11 12.80 1.91
CA LEU A 175 -0.13 12.10 2.73
C LEU A 175 0.24 10.82 1.97
N THR A 176 1.54 10.63 1.72
CA THR A 176 1.98 9.45 0.99
C THR A 176 2.91 8.57 1.82
N LYS A 177 3.03 7.32 1.38
CA LYS A 177 3.88 6.35 2.02
C LYS A 177 4.52 5.58 0.87
N THR A 178 5.85 5.62 0.80
CA THR A 178 6.58 4.94 -0.26
C THR A 178 7.28 3.67 0.23
N TYR A 179 6.96 2.54 -0.39
CA TYR A 179 7.58 1.27 -0.04
C TYR A 179 8.62 0.91 -1.09
N HIS A 180 9.89 0.96 -0.69
CA HIS A 180 11.01 0.64 -1.58
C HIS A 180 11.34 -0.84 -1.45
N MET A 181 11.30 -1.55 -2.58
CA MET A 181 11.58 -2.98 -2.53
C MET A 181 12.33 -3.54 -3.74
N LYS A 182 12.99 -4.67 -3.52
CA LYS A 182 13.77 -5.35 -4.55
C LYS A 182 13.12 -5.30 -5.93
N VAL A 191 10.07 -8.70 -0.11
CA VAL A 191 11.42 -8.20 0.13
C VAL A 191 11.41 -6.67 0.26
N LEU A 192 11.23 -6.20 1.49
CA LEU A 192 11.18 -4.76 1.77
C LEU A 192 12.52 -4.13 2.11
N LEU A 193 12.85 -3.06 1.39
CA LEU A 193 14.10 -2.33 1.60
C LEU A 193 13.92 -1.28 2.70
N HIS A 194 13.10 -0.27 2.43
CA HIS A 194 12.84 0.80 3.39
C HIS A 194 11.61 1.63 2.99
N THR A 195 11.08 2.40 3.94
CA THR A 195 9.90 3.21 3.70
C THR A 195 10.07 4.72 3.93
N GLU A 196 9.30 5.50 3.17
CA GLU A 196 9.32 6.96 3.25
C GLU A 196 7.91 7.48 3.45
N ALA A 197 7.70 8.25 4.50
CA ALA A 197 6.37 8.81 4.76
C ALA A 197 6.46 10.33 4.82
N THR A 198 5.43 10.99 4.31
CA THR A 198 5.38 12.44 4.35
C THR A 198 5.23 12.84 5.80
N VAL A 199 5.82 13.98 6.16
CA VAL A 199 5.73 14.50 7.51
C VAL A 199 4.42 15.27 7.59
N ILE A 200 3.58 14.90 8.56
CA ILE A 200 2.28 15.53 8.73
C ILE A 200 2.42 16.89 9.39
N ASP A 201 1.87 17.92 8.76
CA ASP A 201 1.95 19.26 9.34
C ASP A 201 0.75 19.54 10.22
N TRP A 202 0.75 18.93 11.42
CA TRP A 202 -0.35 19.09 12.36
C TRP A 202 -0.58 20.53 12.83
N TYR A 203 -1.86 20.92 12.93
CA TYR A 203 -2.17 22.26 13.43
C TYR A 203 -2.10 22.21 14.96
N ASP A 204 -2.05 23.40 15.57
CA ASP A 204 -1.96 23.51 17.01
C ASP A 204 -2.92 22.60 17.79
N ASN A 205 -2.39 21.93 18.81
CA ASN A 205 -3.16 21.01 19.66
C ASN A 205 -3.89 19.87 18.95
N LYS A 206 -3.67 19.72 17.65
CA LYS A 206 -4.36 18.68 16.89
C LYS A 206 -3.59 17.38 16.71
N ASN A 207 -2.31 17.35 17.06
CA ASN A 207 -1.54 16.14 16.89
C ASN A 207 -2.02 15.03 17.83
N ILE A 208 -2.89 14.16 17.30
CA ILE A 208 -3.43 13.05 18.07
C ILE A 208 -2.35 12.08 18.52
N LEU A 209 -1.21 12.11 17.85
CA LEU A 209 -0.12 11.21 18.21
C LEU A 209 0.43 11.60 19.59
N LYS A 210 -0.05 12.73 20.09
CA LYS A 210 0.36 13.24 21.40
C LYS A 210 -0.86 13.52 22.29
N LYS A 211 -0.67 13.41 23.60
CA LYS A 211 -1.74 13.68 24.56
C LYS A 211 -1.26 13.44 26.00
N ARG A 234 0.06 8.52 21.87
CA ARG A 234 -0.77 7.33 22.00
C ARG A 234 -0.97 6.65 20.65
N ASP A 235 -1.60 5.48 20.66
CA ASP A 235 -1.84 4.73 19.44
C ASP A 235 -2.75 5.47 18.47
N SER A 236 -2.42 5.38 17.18
CA SER A 236 -3.20 6.04 16.16
C SER A 236 -2.87 5.52 14.78
N PHE A 237 -3.87 5.52 13.91
CA PHE A 237 -3.67 5.06 12.56
C PHE A 237 -2.56 5.86 11.88
N PHE A 238 -2.47 7.14 12.22
CA PHE A 238 -1.50 8.01 11.58
C PHE A 238 -0.03 7.72 11.88
N HIS A 239 0.21 6.71 12.72
CA HIS A 239 1.56 6.29 13.03
C HIS A 239 2.06 5.56 11.79
N PHE A 240 1.12 5.28 10.88
CA PHE A 240 1.41 4.60 9.62
C PHE A 240 2.39 5.47 8.82
N PHE A 241 2.25 6.78 8.94
CA PHE A 241 3.11 7.68 8.20
C PHE A 241 4.41 7.96 8.95
N THR A 242 5.11 6.87 9.24
CA THR A 242 6.39 6.91 9.95
C THR A 242 7.40 6.19 9.07
N SER A 243 8.53 6.85 8.81
CA SER A 243 9.58 6.28 7.97
C SER A 243 10.41 5.24 8.73
N HIS A 244 10.74 4.14 8.03
CA HIS A 244 11.53 3.07 8.62
C HIS A 244 12.56 2.59 7.60
N LYS A 245 13.60 1.89 8.08
CA LYS A 245 14.64 1.40 7.19
C LYS A 245 14.83 -0.11 7.27
N VAL A 246 15.46 -0.57 8.35
CA VAL A 246 15.71 -1.99 8.54
C VAL A 246 15.55 -2.39 10.00
N GLU A 259 15.15 -5.31 20.77
CA GLU A 259 15.31 -4.25 19.79
C GLU A 259 14.95 -4.74 18.38
N VAL A 260 15.65 -5.78 17.94
CA VAL A 260 15.42 -6.35 16.62
C VAL A 260 14.00 -6.89 16.47
N ALA A 261 13.52 -7.63 17.47
CA ALA A 261 12.17 -8.17 17.42
C ALA A 261 11.18 -7.00 17.40
N GLN A 262 11.52 -5.95 18.13
CA GLN A 262 10.68 -4.77 18.19
C GLN A 262 10.52 -4.18 16.79
N LEU A 263 11.65 -3.93 16.12
CA LEU A 263 11.63 -3.37 14.78
C LEU A 263 10.96 -4.28 13.77
N GLU A 264 11.23 -5.58 13.85
CA GLU A 264 10.62 -6.53 12.93
C GLU A 264 9.11 -6.47 13.05
N MET A 265 8.61 -6.60 14.28
CA MET A 265 7.17 -6.58 14.54
C MET A 265 6.51 -5.31 13.98
N ILE A 266 7.11 -4.16 14.22
CA ILE A 266 6.54 -2.90 13.72
C ILE A 266 6.51 -2.84 12.20
N ILE A 267 7.65 -3.10 11.58
CA ILE A 267 7.75 -3.09 10.12
C ILE A 267 6.78 -4.09 9.50
N GLU A 268 6.69 -5.28 10.09
CA GLU A 268 5.80 -6.33 9.60
C GLU A 268 4.34 -5.90 9.59
N GLY A 269 3.87 -5.39 10.72
CA GLY A 269 2.48 -4.96 10.82
C GLY A 269 2.14 -3.82 9.89
N ASP A 270 3.10 -2.93 9.71
CA ASP A 270 2.93 -1.76 8.85
C ASP A 270 2.80 -2.18 7.40
N TYR A 271 3.65 -3.11 6.98
CA TYR A 271 3.63 -3.59 5.61
C TYR A 271 2.34 -4.36 5.36
N GLU A 272 1.85 -5.04 6.40
CA GLU A 272 0.62 -5.82 6.26
C GLU A 272 -0.53 -4.87 5.99
N VAL A 273 -0.55 -3.74 6.71
CA VAL A 273 -1.60 -2.75 6.53
C VAL A 273 -1.53 -2.16 5.12
N ALA A 274 -0.32 -1.77 4.70
CA ALA A 274 -0.11 -1.18 3.40
C ALA A 274 -0.56 -2.10 2.29
N LEU A 275 -0.24 -3.38 2.45
CA LEU A 275 -0.60 -4.39 1.46
C LEU A 275 -2.12 -4.54 1.36
N THR A 276 -2.79 -4.47 2.50
CA THR A 276 -4.24 -4.61 2.53
C THR A 276 -4.91 -3.43 1.83
N ILE A 277 -4.37 -2.23 2.06
CA ILE A 277 -4.94 -1.05 1.43
C ILE A 277 -4.73 -1.13 -0.07
N LYS A 278 -3.51 -1.50 -0.45
CA LYS A 278 -3.14 -1.63 -1.85
C LYS A 278 -3.89 -2.69 -2.62
N GLU A 279 -3.96 -3.90 -2.07
CA GLU A 279 -4.61 -5.00 -2.76
C GLU A 279 -6.08 -5.24 -2.44
N ARG A 280 -6.54 -4.72 -1.31
CA ARG A 280 -7.92 -4.94 -0.89
C ARG A 280 -8.83 -3.72 -0.89
N ILE A 281 -8.47 -2.71 -0.10
CA ILE A 281 -9.27 -1.50 0.00
C ILE A 281 -9.45 -0.78 -1.34
N ILE A 282 -8.34 -0.50 -2.01
CA ILE A 282 -8.38 0.19 -3.29
C ILE A 282 -9.11 -0.57 -4.41
N PRO A 283 -8.83 -1.88 -4.59
CA PRO A 283 -9.53 -2.60 -5.66
C PRO A 283 -11.03 -2.87 -5.42
N TYR A 284 -11.41 -2.98 -4.14
CA TYR A 284 -12.79 -3.31 -3.76
C TYR A 284 -13.42 -2.36 -2.76
N ALA A 285 -13.02 -1.10 -2.77
CA ALA A 285 -13.51 -0.10 -1.82
C ALA A 285 -14.99 -0.12 -1.47
N VAL A 286 -15.85 0.10 -2.47
CA VAL A 286 -17.27 0.14 -2.19
C VAL A 286 -17.84 -1.10 -1.54
N ASP A 287 -17.28 -2.27 -1.87
CA ASP A 287 -17.75 -3.52 -1.28
C ASP A 287 -17.39 -3.59 0.20
N TYR A 288 -16.29 -2.95 0.58
CA TYR A 288 -15.93 -2.90 1.98
C TYR A 288 -16.89 -1.91 2.64
N TYR A 289 -17.09 -0.76 1.98
CA TYR A 289 -18.01 0.23 2.51
C TYR A 289 -19.34 -0.46 2.85
N LEU A 290 -19.88 -1.20 1.89
CA LEU A 290 -21.14 -1.93 2.08
C LEU A 290 -20.98 -3.11 3.03
N GLY A 291 -19.75 -3.47 3.34
CA GLY A 291 -19.50 -4.57 4.26
C GLY A 291 -19.91 -5.94 3.75
N ILE A 292 -19.91 -6.12 2.44
CA ILE A 292 -20.30 -7.39 1.87
C ILE A 292 -19.14 -8.32 1.56
N ILE A 293 -18.02 -8.16 2.25
CA ILE A 293 -16.86 -9.00 2.01
C ILE A 293 -16.52 -9.90 3.20
#